data_9RCM
#
_entry.id   9RCM
#
_cell.length_a   126.524
_cell.length_b   126.524
_cell.length_c   74.027
_cell.angle_alpha   90.00
_cell.angle_beta   90.00
_cell.angle_gamma   120.00
#
_symmetry.space_group_name_H-M   'P 32 2 1'
#
loop_
_entity.id
_entity.type
_entity.pdbx_description
1 polymer 'Multicopper oxidase domain-containing protein'
2 non-polymer 'COPPER (II) ION'
3 non-polymer 'SULFATE ION'
4 water water
#
_entity_poly.entity_id   1
_entity_poly.type   'polypeptide(L)'
_entity_poly.pdbx_seq_one_letter_code
;MGSSHHHHHHSSGLVPRGSHMASMKNYTDYFFDEPAFDLHDGGYVPLEVSDAPEKPLNVPPLLKPDKETATDVYYTVTAE
AGETQLLPGAKTKTWGYNTSLLGQTIVYRRGQHTHVTLKNTLPELTTFHWHGANVSGPYVDGGCHAPVYPGESKHIDFTL
EQPATTLWLHAHPCPSTAEQVWHGLAAMVIVKDDHEASLPLPRNYGVDDIPVILQDRRFHENNQWDYRADYDPDGVAGPT
AMINGTINPYFDVTTQKVRLRFLNGANRREWRLHFADDLPFTQIGGDGSLLPEPVKFTHLMLTCAERAEVIVDFGQYHEG
DEVTLYTDDVPLLKFRIHAFKPDQTTLPDKLFDVKAPVVDPALPVRHVVMQGMDEGVAIDGKKFAMQRIDATQPIGKAQY
WDVTNSNDAPGMVHPFHVHGTQFLVLSRNGHAPYPNEHGFKDTIGVNPGETVRLLVRFDLPGVYMYHCHIIEHLDGGMMA
QIETFDPAKPKQEYKLMDMDTLMMALAKERGVKPSEIWMGGMQSYEKMGMKM
;
_entity_poly.pdbx_strand_id   A
#
loop_
_chem_comp.id
_chem_comp.type
_chem_comp.name
_chem_comp.formula
CU non-polymer 'COPPER (II) ION' 'Cu 2'
SO4 non-polymer 'SULFATE ION' 'O4 S -2'
#
# COMPACT_ATOMS: atom_id res chain seq x y z
N LYS A 25 -8.32 -17.29 21.10
CA LYS A 25 -7.37 -17.94 20.17
C LYS A 25 -6.28 -16.95 19.75
N ASN A 26 -5.08 -17.11 20.28
CA ASN A 26 -3.94 -16.25 19.90
C ASN A 26 -3.21 -16.90 18.73
N TYR A 27 -3.13 -16.20 17.59
CA TYR A 27 -2.39 -16.73 16.43
C TYR A 27 -0.89 -16.46 16.66
N THR A 28 -0.12 -17.53 16.84
CA THR A 28 1.33 -17.41 17.17
C THR A 28 2.22 -17.64 15.94
N ASP A 29 1.67 -18.07 14.81
CA ASP A 29 2.53 -18.22 13.64
C ASP A 29 1.97 -17.47 12.44
N TYR A 30 2.90 -17.03 11.57
CA TYR A 30 2.58 -16.38 10.31
C TYR A 30 1.76 -17.31 9.44
N PHE A 31 0.82 -16.75 8.68
CA PHE A 31 -0.16 -17.56 7.97
C PHE A 31 0.43 -18.07 6.65
N PHE A 32 1.37 -17.32 6.08
CA PHE A 32 1.81 -17.58 4.72
C PHE A 32 2.77 -18.78 4.71
N ASP A 33 2.99 -19.34 3.51
CA ASP A 33 3.81 -20.53 3.36
C ASP A 33 5.29 -20.16 3.56
N GLU A 34 5.87 -20.77 4.61
CA GLU A 34 7.21 -20.45 5.08
C GLU A 34 8.25 -20.67 3.97
N PRO A 35 8.24 -21.77 3.20
CA PRO A 35 9.22 -21.98 2.13
C PRO A 35 9.28 -20.88 1.08
N ALA A 36 8.17 -20.13 0.94
CA ALA A 36 8.05 -19.10 -0.09
C ALA A 36 8.45 -17.71 0.43
N PHE A 37 8.77 -17.58 1.73
CA PHE A 37 9.13 -16.29 2.30
C PHE A 37 10.32 -15.68 1.57
N ASP A 38 10.38 -14.34 1.57
CA ASP A 38 11.41 -13.58 0.89
C ASP A 38 12.82 -13.92 1.40
N LEU A 39 12.91 -14.41 2.64
CA LEU A 39 14.18 -14.68 3.28
C LEU A 39 14.88 -15.90 2.68
N HIS A 40 14.20 -16.65 1.81
CA HIS A 40 14.78 -17.83 1.17
C HIS A 40 15.24 -17.54 -0.24
N ASP A 41 15.06 -16.30 -0.72
CA ASP A 41 15.50 -15.91 -2.05
C ASP A 41 17.04 -15.90 -2.07
N GLY A 42 17.59 -16.16 -3.26
CA GLY A 42 19.03 -16.17 -3.47
C GLY A 42 19.63 -14.79 -3.22
N GLY A 43 18.96 -13.74 -3.72
CA GLY A 43 19.42 -12.37 -3.55
C GLY A 43 18.73 -11.65 -2.39
N TYR A 44 18.34 -12.40 -1.35
CA TYR A 44 17.68 -11.80 -0.19
C TYR A 44 18.66 -10.87 0.51
N VAL A 45 18.21 -9.63 0.78
CA VAL A 45 18.98 -8.67 1.56
C VAL A 45 18.46 -8.67 2.99
N PRO A 46 19.22 -9.22 3.97
CA PRO A 46 18.82 -9.14 5.37
C PRO A 46 18.83 -7.68 5.85
N LEU A 47 17.90 -7.36 6.75
CA LEU A 47 17.96 -6.09 7.46
C LEU A 47 19.16 -6.10 8.41
N GLU A 48 19.88 -4.96 8.46
CA GLU A 48 20.94 -4.73 9.44
C GLU A 48 20.54 -3.55 10.33
N VAL A 49 20.76 -3.67 11.64
CA VAL A 49 20.49 -2.57 12.56
C VAL A 49 21.51 -1.46 12.32
N SER A 50 21.02 -0.28 11.94
CA SER A 50 21.85 0.85 11.54
C SER A 50 22.62 1.44 12.72
N ASP A 51 23.64 2.24 12.39
CA ASP A 51 24.55 2.86 13.35
C ASP A 51 23.87 4.05 14.04
N ALA A 52 22.93 4.68 13.32
CA ALA A 52 22.40 5.99 13.67
C ALA A 52 21.82 5.98 15.08
N PRO A 53 21.80 7.16 15.77
CA PRO A 53 21.32 7.23 17.15
C PRO A 53 19.80 7.15 17.18
N GLU A 54 19.27 6.42 18.17
CA GLU A 54 17.83 6.25 18.24
C GLU A 54 17.21 7.62 18.53
N LYS A 55 16.04 7.84 17.91
CA LYS A 55 15.38 9.13 17.93
C LYS A 55 13.87 8.88 17.98
N PRO A 56 13.05 9.93 18.23
CA PRO A 56 11.60 9.76 18.33
C PRO A 56 11.01 9.43 16.95
N LEU A 57 10.10 8.45 16.92
CA LEU A 57 9.41 8.12 15.68
C LEU A 57 8.77 9.38 15.11
N ASN A 58 9.07 9.70 13.85
CA ASN A 58 8.35 10.76 13.17
C ASN A 58 6.90 10.34 13.01
N VAL A 59 5.98 11.22 13.39
CA VAL A 59 4.58 11.04 13.07
C VAL A 59 4.18 12.14 12.10
N PRO A 60 3.80 11.82 10.84
CA PRO A 60 3.44 12.87 9.89
C PRO A 60 2.26 13.66 10.44
N PRO A 61 2.28 15.00 10.34
CA PRO A 61 1.12 15.81 10.76
C PRO A 61 -0.04 15.55 9.82
N LEU A 62 -1.25 15.84 10.31
CA LEU A 62 -2.46 15.81 9.50
C LEU A 62 -2.42 16.98 8.54
N LEU A 63 -2.65 16.71 7.24
CA LEU A 63 -2.76 17.76 6.26
C LEU A 63 -3.96 18.65 6.61
N LYS A 64 -3.70 19.95 6.73
CA LYS A 64 -4.73 20.92 7.05
C LYS A 64 -5.57 21.16 5.79
N PRO A 65 -6.91 21.00 5.84
CA PRO A 65 -7.76 21.37 4.72
C PRO A 65 -7.57 22.84 4.34
N ASP A 66 -7.83 23.18 3.08
CA ASP A 66 -7.93 24.58 2.67
C ASP A 66 -9.23 25.15 3.23
N LYS A 67 -10.26 24.31 3.27
CA LYS A 67 -11.55 24.67 3.83
C LYS A 67 -12.30 23.38 4.13
N GLU A 68 -13.12 23.39 5.19
CA GLU A 68 -13.92 22.22 5.54
C GLU A 68 -15.23 22.63 6.18
N THR A 69 -16.31 22.00 5.71
CA THR A 69 -17.63 22.08 6.33
C THR A 69 -18.06 20.63 6.59
N ALA A 70 -19.25 20.47 7.17
CA ALA A 70 -19.80 19.15 7.42
C ALA A 70 -19.96 18.34 6.12
N THR A 71 -20.29 19.01 5.00
CA THR A 71 -20.62 18.29 3.76
C THR A 71 -19.47 18.32 2.75
N ASP A 72 -18.49 19.24 2.89
CA ASP A 72 -17.44 19.39 1.90
C ASP A 72 -16.08 19.58 2.54
N VAL A 73 -15.03 19.12 1.86
CA VAL A 73 -13.66 19.35 2.27
C VAL A 73 -12.82 19.63 1.04
N TYR A 74 -11.86 20.55 1.20
CA TYR A 74 -10.97 20.98 0.12
C TYR A 74 -9.54 20.79 0.57
N TYR A 75 -8.75 20.12 -0.29
CA TYR A 75 -7.35 19.85 -0.02
C TYR A 75 -6.51 20.27 -1.21
N THR A 76 -5.27 20.64 -0.92
CA THR A 76 -4.22 20.82 -1.91
C THR A 76 -3.11 19.82 -1.57
N VAL A 77 -2.85 18.87 -2.47
CA VAL A 77 -1.83 17.86 -2.25
C VAL A 77 -0.70 18.12 -3.24
N THR A 78 0.53 18.24 -2.72
CA THR A 78 1.63 18.83 -3.47
C THR A 78 2.82 17.89 -3.45
N ALA A 79 3.14 17.30 -4.62
CA ALA A 79 4.36 16.52 -4.78
C ALA A 79 5.55 17.47 -4.94
N GLU A 80 6.64 17.22 -4.21
CA GLU A 80 7.77 18.14 -4.14
C GLU A 80 9.06 17.41 -3.76
N ALA A 81 10.20 18.03 -4.08
CA ALA A 81 11.53 17.50 -3.78
C ALA A 81 12.17 18.28 -2.64
N GLY A 82 13.01 17.62 -1.85
CA GLY A 82 13.74 18.28 -0.78
C GLY A 82 14.83 17.37 -0.23
N GLU A 83 15.20 17.61 1.03
CA GLU A 83 16.23 16.82 1.70
C GLU A 83 15.77 16.54 3.13
N THR A 84 16.25 15.42 3.69
CA THR A 84 15.79 14.95 4.98
C THR A 84 16.97 14.35 5.73
N GLN A 85 17.11 14.71 7.01
CA GLN A 85 18.08 14.08 7.90
C GLN A 85 17.60 12.68 8.26
N LEU A 86 18.25 11.66 7.71
CA LEU A 86 17.89 10.28 8.00
C LEU A 86 19.04 9.60 8.73
N LEU A 87 20.25 9.80 8.20
CA LEU A 87 21.46 9.32 8.85
C LEU A 87 22.29 10.51 9.31
N PRO A 88 23.13 10.34 10.35
CA PRO A 88 24.05 11.41 10.72
C PRO A 88 24.96 11.67 9.54
N GLY A 89 25.11 12.95 9.21
CA GLY A 89 25.94 13.32 8.11
C GLY A 89 25.11 14.17 7.19
N ALA A 90 25.37 14.02 5.90
CA ALA A 90 24.61 14.74 4.91
C ALA A 90 23.15 14.31 4.91
N LYS A 91 22.33 15.18 4.33
CA LYS A 91 20.91 14.93 4.25
C LYS A 91 20.63 14.13 2.99
N THR A 92 19.70 13.18 3.12
CA THR A 92 19.25 12.38 1.99
C THR A 92 18.29 13.20 1.14
N LYS A 93 18.53 13.27 -0.17
CA LYS A 93 17.57 13.90 -1.07
C LYS A 93 16.34 13.01 -1.22
N THR A 94 15.15 13.63 -1.15
CA THR A 94 13.90 12.90 -1.03
C THR A 94 12.79 13.63 -1.79
N TRP A 95 11.70 12.89 -2.05
CA TRP A 95 10.45 13.42 -2.57
C TRP A 95 9.34 13.16 -1.54
N GLY A 96 8.32 14.01 -1.53
CA GLY A 96 7.24 13.89 -0.56
C GLY A 96 6.00 14.65 -1.01
N TYR A 97 4.90 14.44 -0.28
CA TYR A 97 3.65 15.18 -0.46
C TYR A 97 3.49 16.20 0.68
N ASN A 98 3.62 17.49 0.36
CA ASN A 98 3.45 18.58 1.32
C ASN A 98 4.51 18.54 2.41
N THR A 99 5.65 17.93 2.08
CA THR A 99 6.77 17.75 3.00
C THR A 99 7.87 17.06 2.18
N SER A 100 9.06 16.91 2.75
CA SER A 100 10.23 16.51 1.97
C SER A 100 10.26 15.01 1.70
N LEU A 101 9.71 14.21 2.62
CA LEU A 101 9.72 12.76 2.54
C LEU A 101 8.37 12.22 3.00
N LEU A 102 7.82 11.27 2.22
CA LEU A 102 6.50 10.69 2.47
C LEU A 102 5.45 11.79 2.36
N GLY A 103 4.56 11.92 3.34
CA GLY A 103 3.53 12.91 3.19
C GLY A 103 2.79 13.17 4.49
N GLN A 104 2.04 14.27 4.49
CA GLN A 104 1.10 14.56 5.57
C GLN A 104 -0.10 13.63 5.41
N THR A 105 -0.57 13.12 6.55
CA THR A 105 -1.72 12.22 6.56
C THR A 105 -2.97 12.98 6.14
N ILE A 106 -3.70 12.39 5.18
CA ILE A 106 -4.91 12.98 4.62
C ILE A 106 -6.12 12.27 5.21
N VAL A 107 -7.10 13.07 5.66
CA VAL A 107 -8.32 12.53 6.27
C VAL A 107 -9.48 12.71 5.31
N TYR A 108 -10.15 11.60 5.01
CA TYR A 108 -11.38 11.62 4.25
C TYR A 108 -12.50 11.07 5.14
N ARG A 109 -13.73 11.43 4.77
CA ARG A 109 -14.89 11.04 5.51
C ARG A 109 -15.93 10.50 4.55
N ARG A 110 -16.48 9.33 4.88
CA ARG A 110 -17.54 8.73 4.11
C ARG A 110 -18.67 9.75 3.97
N GLY A 111 -19.13 9.98 2.73
CA GLY A 111 -20.31 10.80 2.47
C GLY A 111 -19.96 12.28 2.29
N GLN A 112 -18.72 12.66 2.58
CA GLN A 112 -18.31 14.04 2.46
C GLN A 112 -17.78 14.29 1.05
N HIS A 113 -18.29 15.35 0.41
CA HIS A 113 -17.86 15.74 -0.92
C HIS A 113 -16.42 16.25 -0.82
N THR A 114 -15.51 15.58 -1.53
CA THR A 114 -14.09 15.88 -1.40
C THR A 114 -13.58 16.55 -2.67
N HIS A 115 -12.79 17.61 -2.47
CA HIS A 115 -12.23 18.40 -3.56
C HIS A 115 -10.72 18.48 -3.35
N VAL A 116 -9.96 17.99 -4.33
CA VAL A 116 -8.52 17.91 -4.18
C VAL A 116 -7.84 18.57 -5.37
N THR A 117 -6.91 19.48 -5.06
CA THR A 117 -5.98 20.01 -6.03
C THR A 117 -4.70 19.19 -5.96
N LEU A 118 -4.37 18.53 -7.07
CA LEU A 118 -3.12 17.80 -7.23
C LEU A 118 -2.10 18.75 -7.86
N LYS A 119 -1.00 18.99 -7.16
CA LYS A 119 -0.01 19.96 -7.60
C LYS A 119 1.35 19.28 -7.69
N ASN A 120 1.96 19.33 -8.87
CA ASN A 120 3.26 18.72 -9.09
C ASN A 120 4.34 19.81 -9.17
N THR A 121 5.24 19.84 -8.18
CA THR A 121 6.37 20.75 -8.20
C THR A 121 7.67 19.96 -8.34
N LEU A 122 7.56 18.70 -8.77
CA LEU A 122 8.73 17.87 -9.03
C LEU A 122 9.30 18.23 -10.41
N PRO A 123 10.56 17.83 -10.72
CA PRO A 123 11.09 17.94 -12.07
C PRO A 123 10.46 17.02 -13.12
N GLU A 124 9.85 15.90 -12.70
CA GLU A 124 9.28 14.91 -13.62
C GLU A 124 7.77 14.75 -13.39
N LEU A 125 7.07 14.17 -14.37
CA LEU A 125 5.64 13.93 -14.27
C LEU A 125 5.37 12.91 -13.17
N THR A 126 4.16 12.94 -12.62
CA THR A 126 3.78 11.95 -11.63
C THR A 126 2.29 11.67 -11.79
N THR A 127 1.81 10.83 -10.89
CA THR A 127 0.43 10.40 -10.84
C THR A 127 0.05 10.29 -9.36
N PHE A 128 -1.22 10.52 -9.02
CA PHE A 128 -1.66 10.50 -7.64
C PHE A 128 -2.67 9.37 -7.45
N HIS A 129 -2.19 8.21 -6.99
CA HIS A 129 -3.04 7.04 -6.87
C HIS A 129 -3.53 6.90 -5.44
N TRP A 130 -4.86 6.87 -5.28
CA TRP A 130 -5.51 6.63 -3.99
C TRP A 130 -5.75 5.14 -3.80
N HIS A 131 -4.72 4.45 -3.30
CA HIS A 131 -4.78 3.00 -3.16
C HIS A 131 -5.90 2.61 -2.22
N GLY A 132 -6.90 1.92 -2.76
CA GLY A 132 -8.00 1.35 -1.98
C GLY A 132 -9.25 2.23 -2.00
N ALA A 133 -9.16 3.39 -2.66
CA ALA A 133 -10.28 4.32 -2.71
C ALA A 133 -11.24 3.89 -3.83
N ASN A 134 -12.53 3.81 -3.49
CA ASN A 134 -13.58 3.46 -4.44
C ASN A 134 -13.96 4.73 -5.21
N VAL A 135 -13.12 5.07 -6.18
CA VAL A 135 -13.34 6.25 -7.02
C VAL A 135 -13.35 5.80 -8.48
N SER A 136 -13.88 6.68 -9.34
CA SER A 136 -13.92 6.45 -10.77
C SER A 136 -12.50 6.37 -11.32
N GLY A 137 -12.36 5.65 -12.44
CA GLY A 137 -11.11 5.55 -13.16
C GLY A 137 -11.31 5.94 -14.62
N PRO A 138 -10.22 6.14 -15.40
CA PRO A 138 -8.86 6.07 -14.87
C PRO A 138 -8.21 7.35 -14.33
N TYR A 139 -8.99 8.43 -14.18
CA TYR A 139 -8.42 9.75 -13.90
C TYR A 139 -8.38 10.00 -12.38
N VAL A 140 -9.54 9.95 -11.71
CA VAL A 140 -9.61 10.20 -10.28
C VAL A 140 -8.82 9.13 -9.54
N ASP A 141 -8.91 7.88 -10.02
CA ASP A 141 -8.17 6.74 -9.51
C ASP A 141 -6.67 7.05 -9.45
N GLY A 142 -6.20 7.80 -10.45
CA GLY A 142 -4.85 8.32 -10.48
C GLY A 142 -3.83 7.25 -10.80
N GLY A 143 -4.19 6.31 -11.70
CA GLY A 143 -3.26 5.28 -12.12
C GLY A 143 -2.41 5.71 -13.32
N CYS A 144 -2.06 4.74 -14.16
CA CYS A 144 -1.15 4.91 -15.28
C CYS A 144 -1.55 6.05 -16.20
N HIS A 145 -2.87 6.29 -16.32
CA HIS A 145 -3.42 7.15 -17.34
C HIS A 145 -3.77 8.55 -16.81
N ALA A 146 -3.24 8.95 -15.65
CA ALA A 146 -3.56 10.23 -15.05
C ALA A 146 -2.29 11.03 -14.79
N PRO A 147 -1.50 11.39 -15.82
CA PRO A 147 -0.26 12.13 -15.61
C PRO A 147 -0.56 13.54 -15.08
N VAL A 148 0.32 14.03 -14.19
CA VAL A 148 0.34 15.43 -13.79
C VAL A 148 1.75 15.95 -14.04
N TYR A 149 1.92 16.81 -15.04
CA TYR A 149 3.25 17.20 -15.53
C TYR A 149 3.85 18.28 -14.63
N PRO A 150 5.21 18.42 -14.59
CA PRO A 150 5.85 19.41 -13.73
C PRO A 150 5.23 20.80 -13.87
N GLY A 151 4.94 21.44 -12.74
CA GLY A 151 4.35 22.78 -12.71
C GLY A 151 2.83 22.77 -12.86
N GLU A 152 2.22 21.61 -13.12
CA GLU A 152 0.81 21.54 -13.46
C GLU A 152 -0.02 21.31 -12.19
N SER A 153 -1.26 21.80 -12.23
CA SER A 153 -2.25 21.58 -11.18
C SER A 153 -3.50 20.95 -11.79
N LYS A 154 -4.04 19.94 -11.10
CA LYS A 154 -5.22 19.24 -11.56
C LYS A 154 -6.24 19.19 -10.42
N HIS A 155 -7.52 19.11 -10.79
CA HIS A 155 -8.62 19.15 -9.82
C HIS A 155 -9.44 17.88 -9.93
N ILE A 156 -9.66 17.21 -8.79
CA ILE A 156 -10.50 16.02 -8.75
C ILE A 156 -11.53 16.21 -7.64
N ASP A 157 -12.69 15.58 -7.82
CA ASP A 157 -13.78 15.64 -6.86
C ASP A 157 -14.41 14.26 -6.75
N PHE A 158 -14.77 13.87 -5.53
CA PHE A 158 -15.35 12.55 -5.28
C PHE A 158 -15.98 12.51 -3.89
N THR A 159 -16.93 11.59 -3.71
CA THR A 159 -17.51 11.28 -2.42
C THR A 159 -17.30 9.80 -2.17
N LEU A 160 -16.57 9.46 -1.09
CA LEU A 160 -16.30 8.07 -0.75
C LEU A 160 -17.53 7.47 -0.08
N GLU A 161 -17.97 6.33 -0.62
CA GLU A 161 -19.02 5.53 -0.02
C GLU A 161 -18.43 4.16 0.27
N GLN A 162 -17.59 4.10 1.31
CA GLN A 162 -16.93 2.88 1.72
C GLN A 162 -16.64 2.97 3.21
N PRO A 163 -16.39 1.83 3.89
CA PRO A 163 -16.17 1.81 5.34
C PRO A 163 -14.89 2.52 5.78
N ALA A 164 -14.87 2.90 7.06
CA ALA A 164 -13.68 3.46 7.67
C ALA A 164 -12.54 2.45 7.56
N THR A 165 -11.33 2.97 7.28
CA THR A 165 -10.15 2.14 7.05
C THR A 165 -8.92 3.03 6.90
N THR A 166 -7.76 2.38 6.71
CA THR A 166 -6.53 3.04 6.32
C THR A 166 -6.21 2.73 4.87
N LEU A 167 -6.15 3.78 4.06
CA LEU A 167 -5.75 3.75 2.67
C LEU A 167 -4.37 4.40 2.58
N TRP A 168 -3.86 4.54 1.35
CA TRP A 168 -2.67 5.36 1.16
C TRP A 168 -2.62 5.95 -0.23
N LEU A 169 -1.81 6.99 -0.35
CA LEU A 169 -1.55 7.70 -1.58
C LEU A 169 -0.14 7.34 -2.02
N HIS A 170 0.04 7.09 -3.32
CA HIS A 170 1.39 6.95 -3.85
C HIS A 170 1.40 7.22 -5.34
N ALA A 171 2.61 7.49 -5.83
CA ALA A 171 2.86 7.74 -7.23
C ALA A 171 2.53 6.48 -8.02
N HIS A 172 1.98 6.65 -9.22
CA HIS A 172 1.64 5.49 -10.05
C HIS A 172 1.86 5.74 -11.55
N PRO A 173 3.00 6.31 -12.00
CA PRO A 173 3.29 6.36 -13.43
C PRO A 173 3.69 4.96 -13.90
N CYS A 174 3.33 4.61 -15.13
CA CYS A 174 3.54 3.24 -15.61
C CYS A 174 4.46 3.24 -16.83
N PRO A 175 5.79 3.07 -16.69
CA PRO A 175 6.53 3.11 -15.41
C PRO A 175 6.96 4.55 -15.08
N SER A 176 7.77 4.76 -14.02
CA SER A 176 8.17 3.80 -13.01
C SER A 176 7.58 4.20 -11.66
N THR A 177 6.66 3.38 -11.14
CA THR A 177 6.09 3.56 -9.82
C THR A 177 7.17 3.32 -8.77
N ALA A 178 8.00 2.30 -9.00
CA ALA A 178 9.02 1.87 -8.07
C ALA A 178 10.00 3.01 -7.74
N GLU A 179 10.40 3.77 -8.77
CA GLU A 179 11.37 4.86 -8.61
C GLU A 179 10.78 5.98 -7.75
N GLN A 180 9.52 6.33 -8.02
CA GLN A 180 8.86 7.43 -7.35
C GLN A 180 8.53 7.09 -5.89
N VAL A 181 8.15 5.84 -5.61
CA VAL A 181 7.91 5.42 -4.25
C VAL A 181 9.25 5.37 -3.49
N TRP A 182 10.31 4.88 -4.15
CA TRP A 182 11.66 4.85 -3.58
C TRP A 182 12.12 6.25 -3.14
N HIS A 183 11.86 7.23 -4.01
CA HIS A 183 12.19 8.63 -3.76
C HIS A 183 11.32 9.22 -2.65
N GLY A 184 10.27 8.49 -2.24
CA GLY A 184 9.50 8.81 -1.04
C GLY A 184 8.06 9.29 -1.25
N LEU A 185 7.44 9.06 -2.42
CA LEU A 185 6.07 9.51 -2.65
C LEU A 185 5.07 8.47 -2.16
N ALA A 186 4.83 8.45 -0.84
CA ALA A 186 3.76 7.70 -0.21
C ALA A 186 3.24 8.50 0.98
N ALA A 187 1.91 8.45 1.22
CA ALA A 187 1.29 9.09 2.37
C ALA A 187 0.09 8.27 2.85
N MET A 188 -0.11 8.25 4.17
CA MET A 188 -1.26 7.59 4.74
C MET A 188 -2.50 8.44 4.53
N VAL A 189 -3.60 7.75 4.23
CA VAL A 189 -4.93 8.31 4.10
C VAL A 189 -5.81 7.60 5.12
N ILE A 190 -6.48 8.37 5.98
CA ILE A 190 -7.40 7.81 6.95
C ILE A 190 -8.81 8.11 6.46
N VAL A 191 -9.65 7.06 6.42
CA VAL A 191 -11.06 7.21 6.08
C VAL A 191 -11.86 7.03 7.36
N LYS A 192 -12.63 8.05 7.73
CA LYS A 192 -13.50 8.01 8.90
C LYS A 192 -14.94 7.78 8.46
N ASP A 193 -15.72 7.13 9.33
CA ASP A 193 -17.17 7.03 9.17
C ASP A 193 -17.81 7.06 10.56
N ASP A 194 -19.16 7.00 10.59
CA ASP A 194 -19.92 7.09 11.83
C ASP A 194 -19.75 5.83 12.68
N HIS A 195 -19.82 4.66 12.04
CA HIS A 195 -19.75 3.40 12.76
C HIS A 195 -18.43 3.28 13.54
N GLU A 196 -17.30 3.60 12.90
CA GLU A 196 -16.00 3.45 13.54
C GLU A 196 -15.87 4.44 14.70
N ALA A 197 -16.45 5.63 14.53
CA ALA A 197 -16.40 6.70 15.53
C ALA A 197 -17.15 6.33 16.81
N SER A 198 -18.03 5.33 16.75
CA SER A 198 -18.82 4.90 17.90
C SER A 198 -18.09 3.84 18.73
N LEU A 199 -16.91 3.39 18.30
CA LEU A 199 -16.28 2.23 18.93
C LEU A 199 -15.22 2.68 19.94
N PRO A 200 -14.96 1.88 20.99
CA PRO A 200 -13.92 2.19 21.97
C PRO A 200 -12.51 1.85 21.48
N LEU A 201 -12.04 2.62 20.49
CA LEU A 201 -10.75 2.42 19.87
C LEU A 201 -9.89 3.64 20.21
N PRO A 202 -8.58 3.49 20.45
CA PRO A 202 -7.67 4.64 20.48
C PRO A 202 -7.77 5.43 19.17
N ARG A 203 -7.81 6.76 19.27
CA ARG A 203 -8.11 7.57 18.10
C ARG A 203 -7.50 8.97 18.19
N ASN A 204 -6.65 9.20 19.19
CA ASN A 204 -5.95 10.46 19.32
C ASN A 204 -4.69 10.40 18.45
N TYR A 205 -4.81 10.93 17.22
CA TYR A 205 -3.79 10.81 16.19
C TYR A 205 -2.49 11.46 16.62
N GLY A 206 -1.45 10.64 16.76
CA GLY A 206 -0.13 11.11 17.14
C GLY A 206 0.18 10.85 18.61
N VAL A 207 -0.80 10.35 19.37
CA VAL A 207 -0.65 10.15 20.81
C VAL A 207 -0.89 8.68 21.13
N ASP A 208 -2.07 8.17 20.74
CA ASP A 208 -2.36 6.76 20.96
C ASP A 208 -2.83 6.08 19.66
N ASP A 209 -2.73 6.80 18.53
CA ASP A 209 -3.11 6.29 17.22
C ASP A 209 -2.10 6.81 16.21
N ILE A 210 -1.23 5.93 15.69
CA ILE A 210 -0.11 6.39 14.90
C ILE A 210 0.05 5.54 13.62
N PRO A 211 0.50 6.17 12.53
CA PRO A 211 0.97 5.43 11.36
C PRO A 211 2.23 4.66 11.69
N VAL A 212 2.36 3.48 11.10
CA VAL A 212 3.60 2.72 11.11
C VAL A 212 3.84 2.27 9.68
N ILE A 213 4.38 3.20 8.89
CA ILE A 213 4.71 2.97 7.50
C ILE A 213 6.07 2.25 7.48
N LEU A 214 6.02 0.97 7.09
CA LEU A 214 7.18 0.09 7.11
C LEU A 214 7.83 0.09 5.73
N GLN A 215 9.09 0.56 5.68
CA GLN A 215 9.87 0.58 4.44
C GLN A 215 11.31 0.17 4.72
N ASP A 216 12.06 -0.03 3.65
CA ASP A 216 13.50 -0.25 3.75
C ASP A 216 14.18 0.54 2.65
N ARG A 217 15.47 0.81 2.84
CA ARG A 217 16.25 1.62 1.92
C ARG A 217 17.71 1.18 1.99
N ARG A 218 18.46 1.51 0.94
CA ARG A 218 19.90 1.35 0.95
C ARG A 218 20.51 2.75 0.77
N PHE A 219 21.33 3.12 1.75
CA PHE A 219 22.02 4.40 1.74
C PHE A 219 23.40 4.22 1.11
N HIS A 220 23.75 5.10 0.17
CA HIS A 220 25.05 5.08 -0.49
C HIS A 220 25.89 6.21 0.11
N GLU A 221 26.95 6.64 -0.60
CA GLU A 221 27.82 7.69 -0.13
C GLU A 221 27.04 9.01 -0.11
N ASN A 222 27.36 9.87 0.87
CA ASN A 222 26.64 11.11 1.13
C ASN A 222 25.22 10.79 1.60
N ASN A 223 25.02 9.58 2.15
CA ASN A 223 23.73 9.12 2.63
C ASN A 223 22.64 9.25 1.55
N GLN A 224 23.00 9.09 0.26
CA GLN A 224 22.04 9.29 -0.81
C GLN A 224 21.39 7.96 -1.19
N TRP A 225 20.21 8.06 -1.85
CA TRP A 225 19.56 6.91 -2.43
C TRP A 225 19.88 6.84 -3.92
N ASP A 226 20.00 5.61 -4.42
CA ASP A 226 20.34 5.38 -5.81
C ASP A 226 19.59 4.14 -6.29
N TYR A 227 18.41 4.38 -6.87
CA TYR A 227 17.49 3.30 -7.20
C TYR A 227 18.13 2.44 -8.29
N ARG A 228 18.65 3.09 -9.33
CA ARG A 228 19.26 2.41 -10.47
C ARG A 228 20.34 1.43 -10.00
N ALA A 229 21.23 1.86 -9.09
CA ALA A 229 22.32 1.00 -8.68
C ALA A 229 21.83 -0.16 -7.83
N ASP A 230 20.67 0.01 -7.17
CA ASP A 230 20.12 -1.03 -6.31
C ASP A 230 19.13 -1.89 -7.10
N TYR A 231 18.82 -1.48 -8.33
CA TYR A 231 17.76 -2.06 -9.12
C TYR A 231 17.90 -3.58 -9.18
N ASP A 232 16.75 -4.26 -9.10
CA ASP A 232 16.66 -5.70 -9.26
C ASP A 232 15.24 -6.02 -9.72
N PRO A 233 15.08 -6.68 -10.89
CA PRO A 233 13.73 -6.89 -11.44
C PRO A 233 12.81 -7.71 -10.57
N ASP A 234 13.37 -8.48 -9.62
CA ASP A 234 12.60 -9.36 -8.74
C ASP A 234 12.20 -8.66 -7.45
N GLY A 235 12.62 -7.40 -7.25
CA GLY A 235 12.26 -6.65 -6.07
C GLY A 235 13.48 -5.99 -5.46
N VAL A 236 13.36 -4.70 -5.17
CA VAL A 236 14.43 -3.92 -4.56
C VAL A 236 14.19 -3.87 -3.05
N ALA A 237 15.20 -4.31 -2.28
CA ALA A 237 15.17 -4.29 -0.83
C ALA A 237 16.54 -3.89 -0.28
N GLY A 238 16.55 -2.84 0.55
CA GLY A 238 17.75 -2.33 1.18
C GLY A 238 17.88 -2.83 2.61
N PRO A 239 19.07 -2.74 3.24
CA PRO A 239 19.28 -3.33 4.57
C PRO A 239 18.88 -2.46 5.77
N THR A 240 18.48 -1.21 5.53
CA THR A 240 18.12 -0.29 6.61
C THR A 240 16.61 -0.08 6.65
N ALA A 241 15.97 -0.58 7.70
CA ALA A 241 14.55 -0.32 7.92
C ALA A 241 14.32 1.16 8.18
N MET A 242 13.21 1.67 7.66
CA MET A 242 12.81 3.06 7.79
C MET A 242 11.32 3.12 8.09
N ILE A 243 10.98 3.61 9.28
CA ILE A 243 9.61 3.63 9.79
C ILE A 243 9.15 5.08 9.81
N ASN A 244 8.11 5.40 9.03
CA ASN A 244 7.65 6.77 8.85
C ASN A 244 8.84 7.70 8.59
N GLY A 245 9.79 7.27 7.77
CA GLY A 245 10.94 8.09 7.42
C GLY A 245 11.87 8.34 8.62
N THR A 246 12.04 7.33 9.49
CA THR A 246 12.86 7.44 10.68
C THR A 246 13.76 6.20 10.80
N ILE A 247 15.03 6.41 11.17
CA ILE A 247 15.96 5.32 11.47
C ILE A 247 16.06 5.13 12.99
N ASN A 248 16.00 3.85 13.41
CA ASN A 248 16.04 3.43 14.81
C ASN A 248 15.10 4.23 15.71
N PRO A 249 13.80 4.30 15.35
CA PRO A 249 12.85 5.09 16.13
C PRO A 249 12.39 4.49 17.45
N TYR A 250 11.98 5.36 18.38
CA TYR A 250 11.25 4.94 19.56
C TYR A 250 9.97 5.77 19.67
N PHE A 251 8.98 5.22 20.36
CA PHE A 251 7.72 5.91 20.57
C PHE A 251 7.42 5.99 22.06
N ASP A 252 7.20 7.22 22.53
CA ASP A 252 6.83 7.46 23.91
C ASP A 252 5.36 7.11 24.10
N VAL A 253 5.11 6.01 24.82
CA VAL A 253 3.77 5.53 25.11
C VAL A 253 3.23 6.23 26.36
N THR A 254 2.11 6.96 26.20
CA THR A 254 1.51 7.73 27.29
C THR A 254 0.09 7.26 27.56
N THR A 255 -0.33 6.16 26.92
CA THR A 255 -1.63 5.55 27.18
C THR A 255 -1.43 4.05 27.35
N GLN A 256 -2.41 3.38 27.98
CA GLN A 256 -2.34 1.95 28.21
C GLN A 256 -2.49 1.20 26.88
N LYS A 257 -3.39 1.71 26.03
CA LYS A 257 -3.74 1.09 24.76
C LYS A 257 -3.22 1.96 23.63
N VAL A 258 -2.63 1.35 22.61
CA VAL A 258 -2.12 2.07 21.46
C VAL A 258 -2.57 1.38 20.16
N ARG A 259 -3.05 2.20 19.22
CA ARG A 259 -3.48 1.74 17.91
C ARG A 259 -2.37 2.00 16.92
N LEU A 260 -1.90 0.92 16.28
CA LEU A 260 -0.87 1.02 15.25
C LEU A 260 -1.50 0.72 13.89
N ARG A 261 -1.38 1.67 12.96
CA ARG A 261 -1.81 1.49 11.59
C ARG A 261 -0.61 1.07 10.75
N PHE A 262 -0.40 -0.24 10.64
CA PHE A 262 0.71 -0.78 9.87
C PHE A 262 0.38 -0.65 8.39
N LEU A 263 1.34 -0.11 7.62
CA LEU A 263 1.31 -0.15 6.18
C LEU A 263 2.63 -0.72 5.68
N ASN A 264 2.59 -1.78 4.87
CA ASN A 264 3.77 -2.22 4.16
C ASN A 264 3.96 -1.37 2.91
N GLY A 265 4.85 -0.38 3.01
CA GLY A 265 5.14 0.53 1.92
C GLY A 265 6.48 0.21 1.25
N ALA A 266 7.01 -1.00 1.49
CA ALA A 266 8.28 -1.42 0.91
C ALA A 266 8.07 -1.80 -0.57
N ASN A 267 9.17 -1.79 -1.33
CA ASN A 267 9.15 -2.19 -2.73
C ASN A 267 8.85 -3.69 -2.77
N ARG A 268 9.53 -4.49 -1.93
CA ARG A 268 9.33 -5.92 -1.97
C ARG A 268 9.22 -6.62 -0.61
N ARG A 269 9.88 -6.09 0.43
CA ARG A 269 10.11 -6.83 1.66
C ARG A 269 8.78 -7.20 2.34
N GLU A 270 8.77 -8.39 2.95
CA GLU A 270 7.69 -8.83 3.82
C GLU A 270 8.08 -8.54 5.26
N TRP A 271 7.13 -8.05 6.06
CA TRP A 271 7.39 -7.79 7.47
C TRP A 271 6.76 -8.89 8.29
N ARG A 272 7.56 -9.50 9.17
CA ARG A 272 7.09 -10.55 10.05
C ARG A 272 7.16 -10.04 11.49
N LEU A 273 6.05 -9.46 11.95
CA LEU A 273 6.04 -8.58 13.11
C LEU A 273 5.73 -9.35 14.38
N HIS A 274 6.48 -9.06 15.45
CA HIS A 274 6.17 -9.56 16.78
C HIS A 274 6.94 -8.76 17.83
N PHE A 275 6.50 -8.85 19.08
CA PHE A 275 7.06 -8.07 20.17
C PHE A 275 7.97 -8.94 21.03
N ALA A 276 8.84 -8.29 21.81
CA ALA A 276 9.51 -8.94 22.93
C ALA A 276 8.46 -9.52 23.87
N ASP A 277 8.80 -10.64 24.52
CA ASP A 277 7.96 -11.28 25.51
C ASP A 277 6.72 -11.91 24.87
N ASP A 278 6.67 -11.96 23.52
CA ASP A 278 5.49 -12.42 22.80
C ASP A 278 4.25 -11.65 23.26
N LEU A 279 4.40 -10.33 23.48
CA LEU A 279 3.29 -9.47 23.88
C LEU A 279 2.20 -9.60 22.83
N PRO A 280 0.97 -10.06 23.18
CA PRO A 280 -0.06 -10.13 22.17
C PRO A 280 -0.56 -8.77 21.66
N PHE A 281 -1.22 -8.78 20.51
CA PHE A 281 -1.86 -7.60 19.96
C PHE A 281 -3.09 -8.05 19.18
N THR A 282 -4.05 -7.13 19.05
CA THR A 282 -5.34 -7.43 18.48
C THR A 282 -5.49 -6.67 17.16
N GLN A 283 -5.66 -7.40 16.07
CA GLN A 283 -5.96 -6.75 14.81
C GLN A 283 -7.44 -6.41 14.79
N ILE A 284 -7.75 -5.15 14.49
CA ILE A 284 -9.13 -4.68 14.42
C ILE A 284 -9.50 -4.25 12.99
N GLY A 285 -8.50 -4.06 12.12
CA GLY A 285 -8.78 -3.60 10.77
C GLY A 285 -7.79 -4.17 9.76
N GLY A 286 -8.29 -4.39 8.53
CA GLY A 286 -7.46 -4.74 7.39
C GLY A 286 -7.49 -3.61 6.35
N ASP A 287 -7.28 -3.95 5.07
CA ASP A 287 -7.08 -2.93 4.05
C ASP A 287 -8.29 -2.01 3.90
N GLY A 288 -9.48 -2.60 3.79
CA GLY A 288 -10.65 -1.90 3.29
C GLY A 288 -11.75 -1.73 4.33
N SER A 289 -11.58 -2.39 5.49
CA SER A 289 -12.56 -2.26 6.55
C SER A 289 -12.00 -2.75 7.88
N LEU A 290 -12.72 -2.38 8.94
CA LEU A 290 -12.71 -3.12 10.19
C LEU A 290 -12.92 -4.62 9.91
N LEU A 291 -12.25 -5.45 10.71
CA LEU A 291 -12.50 -6.88 10.69
C LEU A 291 -13.87 -7.11 11.31
N PRO A 292 -14.62 -8.15 10.90
CA PRO A 292 -15.91 -8.45 11.52
C PRO A 292 -15.78 -8.64 13.03
N GLU A 293 -14.69 -9.30 13.45
CA GLU A 293 -14.39 -9.54 14.85
C GLU A 293 -12.89 -9.32 15.08
N PRO A 294 -12.47 -8.95 16.31
CA PRO A 294 -11.05 -8.74 16.59
C PRO A 294 -10.31 -10.08 16.53
N VAL A 295 -9.04 -10.03 16.10
CA VAL A 295 -8.23 -11.23 15.99
C VAL A 295 -6.95 -11.01 16.78
N LYS A 296 -6.69 -11.95 17.69
CA LYS A 296 -5.50 -11.86 18.58
C LYS A 296 -4.29 -12.54 17.96
N PHE A 297 -3.16 -11.85 18.02
CA PHE A 297 -1.92 -12.37 17.43
C PHE A 297 -0.71 -12.19 18.34
N THR A 298 0.36 -12.92 18.05
CA THR A 298 1.66 -12.70 18.69
C THR A 298 2.62 -12.46 17.52
N HIS A 299 2.27 -13.00 16.33
CA HIS A 299 3.11 -12.87 15.15
C HIS A 299 2.23 -12.57 13.94
N LEU A 300 2.58 -11.54 13.14
CA LEU A 300 1.74 -11.11 12.02
C LEU A 300 2.60 -10.79 10.81
N MET A 301 2.28 -11.39 9.65
CA MET A 301 3.03 -11.13 8.45
C MET A 301 2.24 -10.21 7.51
N LEU A 302 2.95 -9.25 6.90
CA LEU A 302 2.37 -8.30 5.95
C LEU A 302 3.17 -8.30 4.67
N THR A 303 2.49 -8.55 3.54
CA THR A 303 3.08 -8.41 2.22
C THR A 303 2.85 -6.98 1.72
N CYS A 304 3.49 -6.65 0.59
CA CYS A 304 3.49 -5.32 0.02
C CYS A 304 2.08 -4.77 -0.17
N ALA A 305 1.89 -3.55 0.37
CA ALA A 305 0.71 -2.73 0.22
C ALA A 305 -0.41 -3.12 1.20
N GLU A 306 -0.21 -4.20 1.98
CA GLU A 306 -1.21 -4.61 2.95
C GLU A 306 -1.20 -3.63 4.13
N ARG A 307 -2.37 -3.42 4.74
CA ARG A 307 -2.48 -2.69 5.98
C ARG A 307 -3.11 -3.60 7.03
N ALA A 308 -2.66 -3.41 8.27
CA ALA A 308 -3.25 -4.01 9.45
C ALA A 308 -3.29 -2.95 10.55
N GLU A 309 -4.49 -2.69 11.08
CA GLU A 309 -4.65 -1.82 12.23
C GLU A 309 -4.74 -2.72 13.46
N VAL A 310 -3.83 -2.52 14.42
CA VAL A 310 -3.81 -3.35 15.61
C VAL A 310 -3.88 -2.49 16.87
N ILE A 311 -4.43 -3.07 17.94
CA ILE A 311 -4.37 -2.47 19.27
C ILE A 311 -3.36 -3.24 20.10
N VAL A 312 -2.38 -2.53 20.67
CA VAL A 312 -1.43 -3.11 21.61
C VAL A 312 -1.75 -2.59 23.01
N ASP A 313 -1.84 -3.51 23.98
CA ASP A 313 -2.15 -3.20 25.38
C ASP A 313 -0.89 -3.36 26.22
N PHE A 314 -0.44 -2.25 26.84
CA PHE A 314 0.78 -2.22 27.63
C PHE A 314 0.45 -2.24 29.12
N GLY A 315 -0.70 -2.80 29.50
CA GLY A 315 -1.17 -2.80 30.87
C GLY A 315 -0.19 -3.47 31.84
N GLN A 316 0.53 -4.50 31.36
CA GLN A 316 1.37 -5.34 32.21
C GLN A 316 2.80 -4.81 32.28
N TYR A 317 3.02 -3.53 31.96
CA TYR A 317 4.34 -2.93 32.05
C TYR A 317 4.33 -1.76 33.03
N HIS A 318 5.51 -1.48 33.60
CA HIS A 318 5.74 -0.34 34.47
C HIS A 318 6.39 0.79 33.69
N GLU A 319 6.23 2.02 34.19
CA GLU A 319 7.00 3.16 33.72
C GLU A 319 8.48 2.78 33.73
N GLY A 320 9.24 3.31 32.77
CA GLY A 320 10.66 2.99 32.62
C GLY A 320 10.90 1.81 31.67
N ASP A 321 9.91 0.92 31.51
CA ASP A 321 10.06 -0.26 30.67
C ASP A 321 10.14 0.14 29.20
N GLU A 322 10.75 -0.76 28.41
CA GLU A 322 10.97 -0.58 26.98
C GLU A 322 10.56 -1.88 26.30
N VAL A 323 9.74 -1.78 25.24
CA VAL A 323 9.19 -2.95 24.57
C VAL A 323 9.54 -2.84 23.09
N THR A 324 10.17 -3.90 22.55
CA THR A 324 10.70 -3.84 21.21
C THR A 324 9.76 -4.59 20.25
N LEU A 325 9.45 -3.91 19.14
CA LEU A 325 8.77 -4.53 18.01
C LEU A 325 9.83 -5.03 17.03
N TYR A 326 9.70 -6.30 16.62
CA TYR A 326 10.67 -6.95 15.74
C TYR A 326 10.04 -7.30 14.39
N THR A 327 10.89 -7.34 13.35
CA THR A 327 10.61 -8.15 12.17
C THR A 327 11.68 -9.24 12.10
N ASP A 328 11.22 -10.50 12.09
CA ASP A 328 12.10 -11.65 12.23
C ASP A 328 12.97 -11.44 13.47
N ASP A 329 14.28 -11.28 13.27
CA ASP A 329 15.25 -11.21 14.35
C ASP A 329 15.77 -9.79 14.52
N VAL A 330 15.15 -8.83 13.83
CA VAL A 330 15.68 -7.48 13.74
C VAL A 330 14.77 -6.51 14.49
N PRO A 331 15.29 -5.75 15.48
CA PRO A 331 14.49 -4.70 16.13
C PRO A 331 14.18 -3.53 15.20
N LEU A 332 12.91 -3.11 15.18
CA LEU A 332 12.44 -2.04 14.30
C LEU A 332 12.09 -0.78 15.09
N LEU A 333 11.29 -0.97 16.14
CA LEU A 333 10.62 0.14 16.82
C LEU A 333 10.56 -0.18 18.31
N LYS A 334 11.07 0.73 19.13
CA LYS A 334 11.05 0.55 20.56
C LYS A 334 9.95 1.42 21.18
N PHE A 335 9.14 0.79 22.04
CA PHE A 335 8.11 1.51 22.77
C PHE A 335 8.60 1.76 24.21
N ARG A 336 8.79 3.05 24.54
CA ARG A 336 9.14 3.48 25.88
C ARG A 336 7.90 3.79 26.69
N ILE A 337 7.69 3.04 27.78
CA ILE A 337 6.50 3.14 28.59
C ILE A 337 6.66 4.30 29.59
N HIS A 338 5.81 5.33 29.44
CA HIS A 338 5.67 6.38 30.44
C HIS A 338 4.41 6.12 31.27
N ALA A 339 4.19 7.00 32.25
CA ALA A 339 3.00 6.91 33.08
C ALA A 339 1.76 6.99 32.19
N PHE A 340 0.77 6.14 32.48
CA PHE A 340 -0.47 6.16 31.72
C PHE A 340 -1.65 5.93 32.67
N LYS A 341 -2.77 6.60 32.35
CA LYS A 341 -4.04 6.41 33.05
C LYS A 341 -4.60 5.04 32.68
N PRO A 342 -5.00 4.20 33.66
CA PRO A 342 -5.63 2.91 33.35
C PRO A 342 -6.84 3.02 32.40
N ASP A 343 -6.89 2.07 31.44
CA ASP A 343 -7.95 1.98 30.46
C ASP A 343 -8.78 0.73 30.75
N GLN A 344 -10.08 0.93 31.03
CA GLN A 344 -10.95 -0.14 31.48
C GLN A 344 -11.75 -0.73 30.32
N THR A 345 -11.85 -0.01 29.19
CA THR A 345 -12.71 -0.43 28.10
C THR A 345 -12.15 -1.69 27.45
N THR A 346 -13.06 -2.47 26.85
CA THR A 346 -12.71 -3.69 26.15
C THR A 346 -13.43 -3.68 24.80
N LEU A 347 -12.87 -4.41 23.83
CA LEU A 347 -13.42 -4.44 22.48
C LEU A 347 -14.70 -5.25 22.47
N PRO A 348 -15.72 -4.85 21.67
CA PRO A 348 -16.92 -5.67 21.50
C PRO A 348 -16.59 -6.94 20.72
N ASP A 349 -17.50 -7.92 20.79
CA ASP A 349 -17.35 -9.19 20.10
C ASP A 349 -17.34 -8.97 18.59
N LYS A 350 -18.28 -8.17 18.09
CA LYS A 350 -18.38 -7.84 16.68
C LYS A 350 -18.05 -6.37 16.49
N LEU A 351 -17.09 -6.08 15.61
CA LEU A 351 -16.67 -4.72 15.28
C LEU A 351 -17.44 -4.16 14.10
N PHE A 352 -17.82 -5.02 13.15
CA PHE A 352 -18.23 -4.55 11.83
C PHE A 352 -19.11 -5.61 11.17
N ASP A 353 -20.21 -5.13 10.56
CA ASP A 353 -21.12 -6.02 9.83
C ASP A 353 -20.70 -6.09 8.36
N VAL A 354 -20.24 -7.27 7.91
CA VAL A 354 -19.85 -7.45 6.52
C VAL A 354 -21.07 -7.80 5.69
N LYS A 355 -21.42 -6.92 4.73
CA LYS A 355 -22.51 -7.18 3.80
C LYS A 355 -21.93 -7.59 2.45
N ALA A 356 -22.03 -8.88 2.14
CA ALA A 356 -21.44 -9.42 0.92
C ALA A 356 -22.31 -9.10 -0.29
N PRO A 357 -21.76 -8.50 -1.36
CA PRO A 357 -22.49 -8.35 -2.61
C PRO A 357 -22.89 -9.71 -3.16
N VAL A 358 -24.06 -9.76 -3.82
CA VAL A 358 -24.61 -10.96 -4.42
C VAL A 358 -24.04 -11.19 -5.81
N VAL A 359 -23.76 -12.46 -6.16
CA VAL A 359 -23.19 -12.83 -7.44
C VAL A 359 -24.28 -13.42 -8.35
N ASP A 360 -24.36 -12.89 -9.58
CA ASP A 360 -25.24 -13.46 -10.58
C ASP A 360 -24.69 -14.82 -11.02
N PRO A 361 -25.46 -15.93 -10.91
CA PRO A 361 -24.97 -17.25 -11.33
C PRO A 361 -24.63 -17.39 -12.82
N ALA A 362 -25.17 -16.50 -13.67
CA ALA A 362 -24.92 -16.51 -15.10
C ALA A 362 -23.51 -16.03 -15.45
N LEU A 363 -22.81 -15.36 -14.53
CA LEU A 363 -21.46 -14.86 -14.81
C LEU A 363 -20.46 -16.01 -14.75
N PRO A 364 -19.41 -16.00 -15.59
CA PRO A 364 -18.29 -16.92 -15.39
C PRO A 364 -17.51 -16.56 -14.12
N VAL A 365 -16.77 -17.54 -13.62
CA VAL A 365 -15.71 -17.29 -12.66
C VAL A 365 -14.51 -16.78 -13.45
N ARG A 366 -14.04 -15.58 -13.11
CA ARG A 366 -12.86 -15.02 -13.76
C ARG A 366 -11.62 -15.68 -13.17
N HIS A 367 -10.75 -16.18 -14.05
CA HIS A 367 -9.50 -16.82 -13.66
C HIS A 367 -8.34 -15.92 -14.08
N VAL A 368 -7.57 -15.44 -13.10
CA VAL A 368 -6.43 -14.56 -13.31
C VAL A 368 -5.21 -15.32 -12.81
N VAL A 369 -4.23 -15.53 -13.69
CA VAL A 369 -3.02 -16.28 -13.35
C VAL A 369 -1.83 -15.34 -13.29
N MET A 370 -1.17 -15.28 -12.14
CA MET A 370 0.12 -14.63 -12.01
C MET A 370 1.20 -15.67 -12.27
N GLN A 371 2.17 -15.35 -13.14
CA GLN A 371 3.21 -16.29 -13.51
C GLN A 371 4.56 -15.57 -13.55
N GLY A 372 5.63 -16.35 -13.39
CA GLY A 372 6.97 -15.83 -13.58
C GLY A 372 7.52 -15.19 -12.31
N MET A 373 8.83 -14.94 -12.36
CA MET A 373 9.54 -14.15 -11.38
C MET A 373 10.54 -13.31 -12.16
N ASP A 374 11.25 -12.41 -11.46
CA ASP A 374 12.34 -11.70 -12.09
C ASP A 374 11.85 -10.93 -13.32
N GLU A 375 12.57 -11.02 -14.45
CA GLU A 375 12.21 -10.27 -15.65
C GLU A 375 11.02 -10.92 -16.35
N GLY A 376 10.65 -12.15 -15.97
CA GLY A 376 9.65 -12.91 -16.72
C GLY A 376 8.24 -12.78 -16.17
N VAL A 377 8.00 -11.87 -15.22
CA VAL A 377 6.70 -11.74 -14.58
C VAL A 377 5.64 -11.37 -15.62
N ALA A 378 4.43 -11.89 -15.42
CA ALA A 378 3.34 -11.68 -16.36
C ALA A 378 2.01 -12.03 -15.70
N ILE A 379 0.93 -11.55 -16.31
CA ILE A 379 -0.42 -11.98 -15.96
C ILE A 379 -1.08 -12.56 -17.20
N ASP A 380 -1.62 -13.78 -17.07
CA ASP A 380 -2.38 -14.41 -18.14
C ASP A 380 -1.53 -14.40 -19.41
N GLY A 381 -0.24 -14.72 -19.26
CA GLY A 381 0.64 -15.01 -20.37
C GLY A 381 1.25 -13.76 -21.03
N LYS A 382 0.97 -12.55 -20.53
CA LYS A 382 1.48 -11.35 -21.14
C LYS A 382 1.82 -10.26 -20.11
N LYS A 383 2.74 -9.37 -20.52
CA LYS A 383 3.09 -8.19 -19.75
C LYS A 383 2.10 -7.09 -20.09
N PHE A 384 1.99 -6.13 -19.17
CA PHE A 384 1.15 -4.96 -19.33
C PHE A 384 1.47 -4.22 -20.63
N ALA A 385 0.41 -3.83 -21.34
CA ALA A 385 0.47 -2.89 -22.44
C ALA A 385 -0.53 -1.77 -22.15
N MET A 386 -0.04 -0.54 -22.04
CA MET A 386 -0.83 0.54 -21.47
C MET A 386 -2.00 0.91 -22.39
N GLN A 387 -1.94 0.49 -23.66
CA GLN A 387 -2.97 0.77 -24.65
C GLN A 387 -4.05 -0.32 -24.69
N ARG A 388 -3.76 -1.49 -24.09
CA ARG A 388 -4.58 -2.68 -24.30
C ARG A 388 -5.43 -2.98 -23.07
N ILE A 389 -6.76 -3.07 -23.29
CA ILE A 389 -7.70 -3.53 -22.28
C ILE A 389 -7.69 -5.05 -22.25
N ASP A 390 -7.51 -5.61 -21.05
CA ASP A 390 -7.30 -7.04 -20.90
C ASP A 390 -8.60 -7.75 -20.53
N ALA A 391 -9.60 -7.01 -20.03
CA ALA A 391 -10.81 -7.62 -19.50
C ALA A 391 -11.89 -6.56 -19.35
N THR A 392 -13.14 -7.00 -19.23
CA THR A 392 -14.26 -6.11 -18.98
C THR A 392 -15.17 -6.73 -17.92
N GLN A 393 -15.95 -5.88 -17.26
CA GLN A 393 -16.89 -6.30 -16.22
C GLN A 393 -17.95 -5.21 -16.12
N PRO A 394 -19.25 -5.57 -16.12
CA PRO A 394 -20.31 -4.59 -15.88
C PRO A 394 -20.25 -4.06 -14.45
N ILE A 395 -20.55 -2.76 -14.27
CA ILE A 395 -20.61 -2.16 -12.95
C ILE A 395 -21.80 -2.75 -12.17
N GLY A 396 -21.68 -2.79 -10.85
CA GLY A 396 -22.78 -3.13 -9.96
C GLY A 396 -23.07 -4.63 -9.93
N LYS A 397 -22.24 -5.45 -10.57
CA LYS A 397 -22.47 -6.88 -10.63
C LYS A 397 -21.23 -7.60 -10.06
N ALA A 398 -21.40 -8.24 -8.91
CA ALA A 398 -20.28 -8.92 -8.28
C ALA A 398 -19.97 -10.21 -9.04
N GLN A 399 -18.68 -10.52 -9.14
CA GLN A 399 -18.22 -11.71 -9.83
C GLN A 399 -17.14 -12.38 -8.98
N TYR A 400 -17.13 -13.70 -9.04
CA TYR A 400 -16.05 -14.47 -8.45
C TYR A 400 -14.82 -14.34 -9.33
N TRP A 401 -13.69 -13.97 -8.71
CA TRP A 401 -12.39 -14.05 -9.34
C TRP A 401 -11.56 -15.12 -8.63
N ASP A 402 -11.06 -16.09 -9.40
CA ASP A 402 -10.03 -17.01 -8.92
C ASP A 402 -8.68 -16.44 -9.32
N VAL A 403 -7.82 -16.18 -8.33
CA VAL A 403 -6.51 -15.60 -8.61
C VAL A 403 -5.45 -16.62 -8.21
N THR A 404 -4.64 -17.05 -9.18
CA THR A 404 -3.68 -18.11 -8.97
C THR A 404 -2.26 -17.57 -9.11
N ASN A 405 -1.38 -18.02 -8.19
CA ASN A 405 0.05 -17.87 -8.32
C ASN A 405 0.59 -19.19 -8.89
N SER A 406 1.07 -19.13 -10.15
CA SER A 406 1.61 -20.25 -10.90
C SER A 406 2.95 -20.75 -10.39
N ASN A 407 3.69 -19.94 -9.63
CA ASN A 407 5.02 -20.34 -9.20
C ASN A 407 4.93 -21.71 -8.53
N ASP A 408 5.93 -22.57 -8.77
CA ASP A 408 6.07 -23.82 -8.05
C ASP A 408 7.08 -23.58 -6.93
N ALA A 409 7.13 -24.51 -5.95
CA ALA A 409 7.86 -24.26 -4.72
C ALA A 409 9.34 -24.24 -5.00
N PRO A 410 10.21 -23.43 -4.33
CA PRO A 410 9.96 -22.39 -3.30
C PRO A 410 9.03 -21.26 -3.75
N GLY A 411 9.37 -20.65 -4.88
CA GLY A 411 8.63 -19.51 -5.41
C GLY A 411 8.64 -18.34 -4.43
N MET A 412 7.65 -17.45 -4.61
CA MET A 412 7.49 -16.27 -3.77
C MET A 412 6.00 -15.95 -3.65
N VAL A 413 5.65 -15.21 -2.60
CA VAL A 413 4.30 -14.72 -2.39
C VAL A 413 4.13 -13.45 -3.23
N HIS A 414 3.15 -13.44 -4.14
CA HIS A 414 2.84 -12.26 -4.90
C HIS A 414 1.62 -11.57 -4.28
N PRO A 415 1.72 -10.30 -3.84
CA PRO A 415 0.55 -9.55 -3.40
C PRO A 415 -0.28 -8.95 -4.53
N PHE A 416 -1.48 -9.51 -4.73
CA PHE A 416 -2.33 -9.14 -5.84
C PHE A 416 -3.24 -7.99 -5.41
N HIS A 417 -3.32 -6.93 -6.23
CA HIS A 417 -4.08 -5.74 -5.90
C HIS A 417 -4.98 -5.40 -7.07
N VAL A 418 -6.20 -4.92 -6.79
CA VAL A 418 -7.12 -4.46 -7.82
C VAL A 418 -7.53 -3.02 -7.51
N HIS A 419 -7.35 -2.13 -8.48
CA HIS A 419 -7.79 -0.75 -8.34
C HIS A 419 -9.32 -0.69 -8.34
N GLY A 420 -9.87 0.29 -7.64
CA GLY A 420 -11.26 0.70 -7.81
C GLY A 420 -12.27 -0.16 -7.06
N THR A 421 -11.79 -1.01 -6.15
CA THR A 421 -12.67 -1.95 -5.51
C THR A 421 -12.13 -2.30 -4.13
N GLN A 422 -13.03 -2.80 -3.29
CA GLN A 422 -12.65 -3.55 -2.11
C GLN A 422 -13.34 -4.90 -2.23
N PHE A 423 -12.59 -5.99 -2.12
CA PHE A 423 -13.18 -7.31 -2.35
C PHE A 423 -13.25 -8.08 -1.04
N LEU A 424 -14.04 -9.14 -1.04
CA LEU A 424 -14.00 -10.11 0.05
C LEU A 424 -13.23 -11.34 -0.40
N VAL A 425 -12.58 -12.00 0.56
CA VAL A 425 -11.82 -13.20 0.31
C VAL A 425 -12.69 -14.39 0.72
N LEU A 426 -13.05 -15.27 -0.23
CA LEU A 426 -13.96 -16.36 0.07
C LEU A 426 -13.21 -17.63 0.46
N SER A 427 -12.05 -17.88 -0.15
CA SER A 427 -11.35 -19.12 0.10
C SER A 427 -9.90 -19.04 -0.38
N ARG A 428 -9.07 -19.88 0.25
CA ARG A 428 -7.71 -20.15 -0.18
C ARG A 428 -7.62 -21.65 -0.47
N ASN A 429 -7.43 -22.01 -1.74
CA ASN A 429 -7.41 -23.40 -2.19
C ASN A 429 -8.64 -24.16 -1.69
N GLY A 430 -9.82 -23.54 -1.80
CA GLY A 430 -11.07 -24.18 -1.44
C GLY A 430 -11.33 -24.23 0.07
N HIS A 431 -10.38 -23.73 0.88
CA HIS A 431 -10.45 -23.76 2.33
C HIS A 431 -10.66 -22.34 2.87
N ALA A 432 -10.75 -22.19 4.19
CA ALA A 432 -11.07 -20.91 4.78
C ALA A 432 -9.95 -19.91 4.51
N PRO A 433 -10.26 -18.62 4.30
CA PRO A 433 -9.23 -17.59 4.20
C PRO A 433 -8.51 -17.50 5.54
N TYR A 434 -7.46 -16.68 5.62
CA TYR A 434 -6.74 -16.52 6.87
C TYR A 434 -7.66 -15.85 7.88
N PRO A 435 -7.40 -16.03 9.20
CA PRO A 435 -8.24 -15.42 10.23
C PRO A 435 -8.44 -13.90 10.17
N ASN A 436 -7.49 -13.17 9.56
CA ASN A 436 -7.58 -11.71 9.49
C ASN A 436 -8.06 -11.24 8.12
N GLU A 437 -8.73 -12.13 7.36
CA GLU A 437 -9.10 -11.87 5.98
C GLU A 437 -10.61 -11.99 5.77
N HIS A 438 -11.40 -11.68 6.81
CA HIS A 438 -12.86 -11.79 6.72
C HIS A 438 -13.52 -10.44 6.51
N GLY A 439 -12.73 -9.37 6.43
CA GLY A 439 -13.26 -8.05 6.12
C GLY A 439 -12.95 -7.69 4.66
N PHE A 440 -13.13 -6.42 4.31
CA PHE A 440 -12.85 -5.98 2.95
C PHE A 440 -11.36 -5.78 2.78
N LYS A 441 -10.82 -6.23 1.62
CA LYS A 441 -9.42 -6.10 1.30
C LYS A 441 -9.25 -5.63 -0.14
N ASP A 442 -8.12 -4.99 -0.43
CA ASP A 442 -7.78 -4.59 -1.80
C ASP A 442 -6.48 -5.24 -2.28
N THR A 443 -5.77 -5.93 -1.38
CA THR A 443 -4.50 -6.56 -1.68
C THR A 443 -4.47 -7.89 -0.95
N ILE A 444 -3.98 -8.96 -1.61
CA ILE A 444 -3.92 -10.27 -0.98
C ILE A 444 -2.68 -11.01 -1.45
N GLY A 445 -1.92 -11.54 -0.48
CA GLY A 445 -0.74 -12.35 -0.72
C GLY A 445 -1.14 -13.75 -1.20
N VAL A 446 -0.66 -14.11 -2.40
CA VAL A 446 -1.03 -15.37 -3.02
C VAL A 446 0.23 -16.23 -3.04
N ASN A 447 0.15 -17.39 -2.36
CA ASN A 447 1.26 -18.29 -2.18
C ASN A 447 1.49 -19.11 -3.46
N PRO A 448 2.71 -19.64 -3.69
CA PRO A 448 2.96 -20.54 -4.82
C PRO A 448 1.96 -21.69 -4.86
N GLY A 449 1.37 -21.93 -6.04
CA GLY A 449 0.47 -23.05 -6.28
C GLY A 449 -0.96 -22.77 -5.81
N GLU A 450 -1.20 -21.58 -5.25
CA GLU A 450 -2.46 -21.31 -4.57
C GLU A 450 -3.42 -20.57 -5.49
N THR A 451 -4.72 -20.91 -5.37
CA THR A 451 -5.80 -20.13 -5.93
C THR A 451 -6.61 -19.53 -4.78
N VAL A 452 -6.78 -18.21 -4.84
CA VAL A 452 -7.62 -17.49 -3.88
C VAL A 452 -8.87 -17.07 -4.64
N ARG A 453 -10.03 -17.29 -4.04
CA ARG A 453 -11.29 -16.86 -4.62
C ARG A 453 -11.71 -15.57 -3.93
N LEU A 454 -12.00 -14.56 -4.77
CA LEU A 454 -12.38 -13.23 -4.32
C LEU A 454 -13.76 -12.92 -4.88
N LEU A 455 -14.50 -12.09 -4.14
CA LEU A 455 -15.76 -11.55 -4.59
C LEU A 455 -15.53 -10.08 -4.94
N VAL A 456 -15.57 -9.80 -6.24
CA VAL A 456 -15.16 -8.51 -6.78
C VAL A 456 -16.35 -7.82 -7.43
N ARG A 457 -16.70 -6.64 -6.92
CA ARG A 457 -17.71 -5.80 -7.53
C ARG A 457 -17.13 -4.40 -7.75
N PHE A 458 -17.37 -3.84 -8.94
CA PHE A 458 -16.95 -2.48 -9.25
C PHE A 458 -18.20 -1.61 -9.24
N ASP A 459 -18.19 -0.55 -8.41
CA ASP A 459 -19.33 0.33 -8.30
C ASP A 459 -19.31 1.39 -9.40
N LEU A 460 -18.14 1.71 -9.96
CA LEU A 460 -18.03 2.88 -10.84
C LEU A 460 -17.40 2.49 -12.17
N PRO A 461 -17.76 3.17 -13.28
CA PRO A 461 -17.19 2.87 -14.59
C PRO A 461 -15.77 3.40 -14.66
N GLY A 462 -14.96 2.80 -15.55
CA GLY A 462 -13.65 3.34 -15.84
C GLY A 462 -12.66 2.27 -16.26
N VAL A 463 -11.39 2.64 -16.25
CA VAL A 463 -10.31 1.70 -16.50
C VAL A 463 -9.47 1.60 -15.23
N TYR A 464 -9.24 0.35 -14.79
CA TYR A 464 -8.62 0.05 -13.51
C TYR A 464 -7.55 -1.02 -13.69
N MET A 465 -6.38 -0.83 -13.09
CA MET A 465 -5.34 -1.85 -13.18
C MET A 465 -5.59 -2.93 -12.12
N TYR A 466 -5.07 -4.12 -12.40
CA TYR A 466 -4.86 -5.15 -11.40
C TYR A 466 -3.47 -5.72 -11.63
N HIS A 467 -2.75 -5.99 -10.54
CA HIS A 467 -1.32 -6.26 -10.66
C HIS A 467 -0.75 -6.78 -9.35
N CYS A 468 0.48 -7.31 -9.45
CA CYS A 468 1.27 -7.61 -8.28
C CYS A 468 1.75 -6.30 -7.67
N HIS A 469 1.84 -6.23 -6.34
CA HIS A 469 2.22 -4.98 -5.69
C HIS A 469 3.66 -5.04 -5.17
N ILE A 470 4.43 -6.09 -5.52
CA ILE A 470 5.87 -5.95 -5.52
C ILE A 470 6.14 -4.97 -6.65
N ILE A 471 6.66 -3.78 -6.32
CA ILE A 471 6.53 -2.64 -7.23
C ILE A 471 7.43 -2.84 -8.46
N GLU A 472 8.49 -3.63 -8.32
CA GLU A 472 9.35 -3.97 -9.44
C GLU A 472 8.66 -4.97 -10.38
N HIS A 473 7.76 -5.79 -9.85
CA HIS A 473 6.96 -6.69 -10.69
C HIS A 473 5.93 -5.87 -11.46
N LEU A 474 5.28 -4.94 -10.76
CA LEU A 474 4.34 -3.98 -11.34
C LEU A 474 4.97 -3.26 -12.54
N ASP A 475 6.12 -2.61 -12.30
CA ASP A 475 6.85 -1.92 -13.36
C ASP A 475 7.37 -2.91 -14.41
N GLY A 476 7.71 -4.13 -13.98
CA GLY A 476 8.30 -5.13 -14.87
C GLY A 476 7.26 -5.86 -15.72
N GLY A 477 5.98 -5.48 -15.61
CA GLY A 477 4.94 -5.90 -16.53
C GLY A 477 3.89 -6.82 -15.91
N MET A 478 3.98 -7.11 -14.60
CA MET A 478 3.04 -8.01 -13.95
C MET A 478 1.76 -7.27 -13.58
N MET A 479 1.05 -6.84 -14.61
CA MET A 479 -0.06 -5.90 -14.47
C MET A 479 -0.96 -6.05 -15.69
N ALA A 480 -2.24 -5.74 -15.50
CA ALA A 480 -3.25 -5.77 -16.55
C ALA A 480 -4.32 -4.74 -16.21
N GLN A 481 -5.25 -4.50 -17.13
CA GLN A 481 -6.30 -3.53 -16.83
C GLN A 481 -7.65 -4.02 -17.33
N ILE A 482 -8.68 -3.59 -16.58
CA ILE A 482 -10.05 -3.99 -16.80
C ILE A 482 -10.87 -2.72 -17.03
N GLU A 483 -11.73 -2.76 -18.04
CA GLU A 483 -12.68 -1.70 -18.30
C GLU A 483 -14.01 -2.09 -17.68
N THR A 484 -14.50 -1.27 -16.74
CA THR A 484 -15.82 -1.48 -16.19
C THR A 484 -16.78 -0.52 -16.87
N PHE A 485 -18.00 -0.99 -17.15
CA PHE A 485 -18.90 -0.27 -18.02
C PHE A 485 -20.34 -0.41 -17.50
N ASP A 486 -21.15 0.60 -17.81
CA ASP A 486 -22.59 0.54 -17.64
C ASP A 486 -23.19 -0.16 -18.87
N PRO A 487 -23.90 -1.31 -18.71
CA PRO A 487 -24.48 -2.01 -19.86
C PRO A 487 -25.53 -1.20 -20.60
N ALA A 488 -26.16 -0.25 -19.88
CA ALA A 488 -27.20 0.59 -20.43
C ALA A 488 -26.65 1.58 -21.46
N LYS A 489 -25.36 1.96 -21.34
CA LYS A 489 -24.75 2.98 -22.20
C LYS A 489 -23.79 2.34 -23.20
N PRO A 490 -23.47 3.04 -24.32
CA PRO A 490 -22.44 2.54 -25.26
C PRO A 490 -21.04 2.62 -24.66
N LYS A 491 -20.07 1.99 -25.34
CA LYS A 491 -18.68 1.98 -24.88
C LYS A 491 -18.17 3.43 -24.80
N GLN A 492 -17.57 3.78 -23.65
CA GLN A 492 -17.06 5.11 -23.41
C GLN A 492 -15.63 5.21 -23.94
N GLU A 493 -15.26 6.39 -24.44
CA GLU A 493 -13.90 6.66 -24.91
C GLU A 493 -13.05 7.16 -23.75
N TYR A 494 -11.92 6.49 -23.51
CA TYR A 494 -10.97 6.93 -22.51
C TYR A 494 -9.64 7.24 -23.19
N LYS A 495 -9.09 8.42 -22.89
CA LYS A 495 -7.76 8.76 -23.36
C LYS A 495 -6.75 8.00 -22.51
N LEU A 496 -6.21 6.91 -23.08
CA LEU A 496 -5.19 6.11 -22.42
C LEU A 496 -3.82 6.67 -22.76
N MET A 497 -2.91 6.63 -21.78
CA MET A 497 -1.52 7.00 -21.96
C MET A 497 -0.91 6.04 -22.98
N ASP A 498 0.09 6.54 -23.73
CA ASP A 498 0.87 5.69 -24.62
C ASP A 498 2.35 5.91 -24.30
N MET A 499 3.17 4.94 -24.69
CA MET A 499 4.56 4.90 -24.26
C MET A 499 5.40 5.99 -24.91
N ASP A 500 4.97 6.48 -26.09
CA ASP A 500 5.70 7.52 -26.78
C ASP A 500 5.49 8.86 -26.07
N THR A 501 4.26 9.15 -25.64
CA THR A 501 3.94 10.37 -24.91
C THR A 501 4.76 10.43 -23.63
N LEU A 502 4.89 9.28 -22.94
CA LEU A 502 5.54 9.20 -21.65
C LEU A 502 7.04 9.47 -21.79
N MET A 503 7.64 8.91 -22.84
CA MET A 503 9.08 9.03 -23.01
C MET A 503 9.44 10.40 -23.57
N MET A 504 8.59 10.97 -24.44
CA MET A 504 8.79 12.33 -24.91
C MET A 504 8.91 13.26 -23.69
N ALA A 505 7.93 13.13 -22.78
CA ALA A 505 7.83 14.00 -21.63
C ALA A 505 9.04 13.82 -20.71
N LEU A 506 9.35 12.57 -20.37
CA LEU A 506 10.48 12.29 -19.48
C LEU A 506 11.79 12.77 -20.12
N ALA A 507 11.87 12.69 -21.46
CA ALA A 507 13.06 13.13 -22.19
C ALA A 507 13.25 14.63 -22.01
N LYS A 508 12.24 15.41 -22.38
CA LYS A 508 12.23 16.85 -22.19
C LYS A 508 12.55 17.19 -20.73
N GLU A 509 11.84 16.55 -19.80
CA GLU A 509 11.92 16.89 -18.39
C GLU A 509 13.33 16.62 -17.84
N ARG A 510 13.96 15.53 -18.28
CA ARG A 510 15.29 15.17 -17.78
C ARG A 510 16.37 15.83 -18.62
N GLY A 511 15.96 16.48 -19.72
CA GLY A 511 16.89 17.18 -20.60
C GLY A 511 17.85 16.19 -21.29
N VAL A 512 17.30 15.14 -21.89
CA VAL A 512 18.09 14.11 -22.53
C VAL A 512 17.32 13.59 -23.75
N LYS A 513 17.96 12.69 -24.51
CA LYS A 513 17.40 12.14 -25.73
C LYS A 513 16.41 11.03 -25.37
N PRO A 514 15.25 10.94 -26.04
CA PRO A 514 14.31 9.84 -25.83
C PRO A 514 14.97 8.46 -25.75
N SER A 515 16.09 8.28 -26.46
CA SER A 515 16.77 6.99 -26.57
C SER A 515 17.66 6.69 -25.36
N GLU A 516 17.97 7.69 -24.51
CA GLU A 516 18.85 7.42 -23.39
C GLU A 516 18.12 7.53 -22.05
N ILE A 517 16.79 7.42 -22.08
CA ILE A 517 15.98 7.34 -20.87
C ILE A 517 16.21 5.98 -20.20
N TRP A 518 16.33 6.00 -18.87
CA TRP A 518 16.29 4.78 -18.08
C TRP A 518 15.10 4.83 -17.13
N MET A 519 14.31 3.75 -17.11
CA MET A 519 13.22 3.61 -16.16
C MET A 519 13.26 2.21 -15.56
N GLY A 520 12.94 2.12 -14.26
CA GLY A 520 12.68 0.85 -13.62
C GLY A 520 11.64 0.10 -14.44
N GLY A 521 11.92 -1.18 -14.75
CA GLY A 521 10.97 -2.01 -15.48
C GLY A 521 11.39 -2.24 -16.93
N MET A 522 11.98 -1.23 -17.58
CA MET A 522 12.45 -1.32 -18.96
C MET A 522 13.26 -2.61 -19.16
N GLN A 523 14.15 -2.91 -18.23
CA GLN A 523 15.05 -4.04 -18.36
C GLN A 523 14.27 -5.35 -18.47
N SER A 524 13.13 -5.43 -17.80
CA SER A 524 12.30 -6.63 -17.85
C SER A 524 11.73 -6.78 -19.25
N TYR A 525 11.18 -5.68 -19.78
CA TYR A 525 10.60 -5.69 -21.11
C TYR A 525 11.64 -6.02 -22.18
N GLU A 526 12.83 -5.39 -22.09
CA GLU A 526 13.84 -5.46 -23.14
C GLU A 526 14.50 -6.83 -23.15
N LYS A 527 14.73 -7.40 -21.96
CA LYS A 527 15.35 -8.71 -21.86
C LYS A 527 14.42 -9.80 -22.39
N MET A 528 13.10 -9.56 -22.35
CA MET A 528 12.10 -10.51 -22.82
C MET A 528 11.67 -10.18 -24.26
N GLY A 529 12.20 -9.08 -24.81
CA GLY A 529 11.90 -8.67 -26.17
C GLY A 529 10.46 -8.21 -26.34
N MET A 530 9.94 -7.47 -25.35
CA MET A 530 8.54 -7.05 -25.33
C MET A 530 8.43 -5.53 -25.24
N LYS A 531 7.33 -4.99 -25.77
CA LYS A 531 7.21 -3.57 -26.05
C LYS A 531 6.55 -2.87 -24.85
CU CU B . -0.85 0.81 -4.35
CU CU C . -1.79 0.04 -8.81
CU CU D . -4.08 0.71 -6.09
CU CU E . 4.89 -10.34 -8.09
S SO4 F . -21.57 5.04 8.39
O1 SO4 F . -22.96 5.13 8.74
O2 SO4 F . -21.03 6.37 8.18
O3 SO4 F . -20.84 4.37 9.44
O4 SO4 F . -21.43 4.27 7.18
#